data_7ZSZ
#
_entry.id   7ZSZ
#
_cell.length_a   38.490
_cell.length_b   43.420
_cell.length_c   69.900
_cell.angle_alpha   100.870
_cell.angle_beta   96.360
_cell.angle_gamma   116.000
#
_symmetry.space_group_name_H-M   'P 1'
#
loop_
_entity.id
_entity.type
_entity.pdbx_description
1 polymer Endo-1,4-beta-xylanase
2 non-polymer 'SULFATE ION'
3 water water
#
_entity_poly.entity_id   1
_entity_poly.type   'polypeptide(L)'
_entity_poly.pdbx_seq_one_letter_code
;ATTLYENKTGTEDGYDYELWKDSGNTSMILNGGGTFSCQWSNINNCLFRKGKKFGGNQSYQQIGNISFDYGCDYHPNGNS
YLCVYGWTTSPLVEFYIVDSWGSWRPPGGSPKGQIYVDGGTYDVYETTRVNQPSIQGNTTFQQYFSVRTERRTSGTINVT
EHFKAWERMGMRMGNIYEAALNVEGYQSSGSANVYKNNMTIG
;
_entity_poly.pdbx_strand_id   A,B
#
# COMPACT_ATOMS: atom_id res chain seq x y z
N ALA A 1 37.15 -3.63 -5.73
CA ALA A 1 38.10 -4.74 -5.61
C ALA A 1 37.42 -6.09 -5.82
N THR A 2 36.30 -6.33 -5.14
CA THR A 2 35.51 -7.54 -5.33
C THR A 2 34.14 -7.17 -5.86
N THR A 3 33.71 -7.87 -6.91
CA THR A 3 32.40 -7.64 -7.52
C THR A 3 31.49 -8.83 -7.27
N LEU A 4 30.28 -8.55 -6.82
CA LEU A 4 29.26 -9.57 -6.59
C LEU A 4 28.18 -9.45 -7.65
N TYR A 5 27.75 -10.58 -8.20
CA TYR A 5 26.66 -10.60 -9.16
C TYR A 5 25.39 -11.24 -8.63
N GLU A 6 25.46 -11.98 -7.52
CA GLU A 6 24.31 -12.73 -7.00
C GLU A 6 24.06 -12.35 -5.55
N ASN A 7 22.86 -12.68 -5.06
CA ASN A 7 22.47 -12.34 -3.70
C ASN A 7 23.55 -12.74 -2.71
N LYS A 8 23.95 -11.80 -1.85
CA LYS A 8 24.96 -12.10 -0.86
C LYS A 8 24.89 -11.08 0.27
N THR A 9 25.19 -11.56 1.47
CA THR A 9 25.43 -10.71 2.62
C THR A 9 26.83 -11.02 3.16
N GLY A 10 27.42 -10.04 3.81
CA GLY A 10 28.74 -10.24 4.36
C GLY A 10 29.18 -8.98 5.07
N THR A 11 30.47 -8.93 5.38
CA THR A 11 31.08 -7.77 5.97
C THR A 11 32.33 -7.40 5.20
N GLU A 12 32.61 -6.10 5.17
CA GLU A 12 33.88 -5.57 4.67
C GLU A 12 34.27 -4.38 5.53
N ASP A 13 35.47 -4.44 6.12
CA ASP A 13 36.02 -3.32 6.90
C ASP A 13 35.04 -2.80 7.94
N GLY A 14 34.37 -3.73 8.63
CA GLY A 14 33.44 -3.40 9.68
C GLY A 14 32.03 -3.08 9.22
N TYR A 15 31.80 -2.98 7.91
CA TYR A 15 30.50 -2.66 7.37
C TYR A 15 29.77 -3.91 6.91
N ASP A 16 28.54 -4.08 7.37
CA ASP A 16 27.67 -5.12 6.82
C ASP A 16 27.19 -4.69 5.44
N TYR A 17 27.32 -5.58 4.45
CA TYR A 17 26.85 -5.28 3.10
C TYR A 17 25.79 -6.27 2.68
N GLU A 18 24.94 -5.86 1.75
CA GLU A 18 24.02 -6.79 1.12
C GLU A 18 23.76 -6.35 -0.31
N LEU A 19 23.78 -7.31 -1.22
CA LEU A 19 23.19 -7.24 -2.55
C LEU A 19 22.01 -8.18 -2.58
N TRP A 20 20.85 -7.69 -3.03
CA TRP A 20 19.74 -8.61 -3.19
C TRP A 20 18.93 -8.21 -4.41
N LYS A 21 18.43 -9.20 -5.13
CA LYS A 21 17.42 -8.95 -6.14
C LYS A 21 16.54 -10.19 -6.23
N ASP A 22 15.28 -9.98 -6.62
CA ASP A 22 14.43 -11.13 -6.89
C ASP A 22 14.70 -11.71 -8.28
N SER A 23 14.98 -10.85 -9.26
CA SER A 23 15.37 -11.30 -10.59
C SER A 23 16.06 -10.15 -11.32
N GLY A 24 16.88 -10.49 -12.30
CA GLY A 24 17.54 -9.51 -13.14
C GLY A 24 19.04 -9.43 -12.87
N ASN A 25 19.66 -8.47 -13.53
CA ASN A 25 21.11 -8.30 -13.50
C ASN A 25 21.50 -7.29 -12.44
N THR A 26 22.45 -7.65 -11.60
CA THR A 26 22.97 -6.77 -10.56
C THR A 26 24.47 -6.96 -10.45
N SER A 27 25.18 -5.86 -10.25
CA SER A 27 26.59 -5.91 -9.91
C SER A 27 26.83 -4.95 -8.76
N MET A 28 27.51 -5.43 -7.72
CA MET A 28 27.90 -4.61 -6.58
C MET A 28 29.40 -4.74 -6.41
N ILE A 29 30.13 -3.63 -6.55
CA ILE A 29 31.57 -3.62 -6.33
C ILE A 29 31.82 -3.15 -4.91
N LEU A 30 32.40 -4.03 -4.11
CA LEU A 30 32.83 -3.69 -2.76
C LEU A 30 34.16 -2.95 -2.85
N ASN A 31 34.16 -1.67 -2.48
CA ASN A 31 35.33 -0.81 -2.68
C ASN A 31 35.99 -0.39 -1.38
N GLY A 32 35.71 -1.10 -0.30
CA GLY A 32 36.40 -0.80 0.96
C GLY A 32 35.64 0.18 1.81
N GLY A 33 35.84 0.07 3.13
CA GLY A 33 35.12 0.92 4.06
C GLY A 33 33.63 0.79 3.82
N GLY A 34 32.95 1.93 3.85
CA GLY A 34 31.53 1.95 3.58
C GLY A 34 31.17 2.08 2.11
N THR A 35 32.14 2.01 1.21
CA THR A 35 31.91 2.40 -0.17
C THR A 35 31.57 1.21 -1.05
N PHE A 36 30.73 1.47 -2.05
CA PHE A 36 30.32 0.42 -2.97
C PHE A 36 29.76 1.07 -4.23
N SER A 37 29.88 0.36 -5.35
CA SER A 37 29.30 0.84 -6.58
C SER A 37 28.39 -0.23 -7.15
N CYS A 38 27.27 0.18 -7.71
CA CYS A 38 26.33 -0.81 -8.16
C CYS A 38 25.73 -0.43 -9.49
N GLN A 39 25.25 -1.45 -10.18
CA GLN A 39 24.60 -1.32 -11.47
C GLN A 39 23.51 -2.35 -11.51
N TRP A 40 22.38 -2.00 -12.08
CA TRP A 40 21.28 -2.94 -12.23
C TRP A 40 20.61 -2.76 -13.58
N SER A 41 19.96 -3.80 -14.05
CA SER A 41 19.18 -3.74 -15.27
C SER A 41 18.28 -4.97 -15.30
N ASN A 42 17.14 -4.82 -15.96
CA ASN A 42 16.16 -5.91 -16.11
C ASN A 42 15.75 -6.51 -14.78
N ILE A 43 15.70 -5.72 -13.72
CA ILE A 43 15.34 -6.22 -12.41
C ILE A 43 13.88 -5.92 -12.12
N ASN A 44 13.28 -6.73 -11.25
CA ASN A 44 12.01 -6.39 -10.63
C ASN A 44 12.22 -5.54 -9.38
N ASN A 45 12.86 -6.11 -8.36
CA ASN A 45 13.25 -5.39 -7.16
C ASN A 45 14.73 -5.67 -6.89
N CYS A 46 15.49 -4.64 -6.54
CA CYS A 46 16.84 -4.89 -6.07
C CYS A 46 17.23 -3.88 -5.01
N LEU A 47 18.24 -4.24 -4.21
CA LEU A 47 18.81 -3.33 -3.24
C LEU A 47 20.31 -3.58 -3.14
N PHE A 48 21.03 -2.53 -2.74
CA PHE A 48 22.47 -2.55 -2.49
C PHE A 48 22.71 -1.70 -1.26
N ARG A 49 23.43 -2.20 -0.26
CA ARG A 49 23.61 -1.39 0.93
C ARG A 49 24.89 -1.75 1.68
N LYS A 50 25.42 -0.76 2.40
CA LYS A 50 26.47 -0.93 3.39
C LYS A 50 26.10 -0.13 4.61
N GLY A 51 26.25 -0.75 5.79
CA GLY A 51 25.95 -0.08 7.03
C GLY A 51 26.44 -0.94 8.17
N LYS A 52 25.81 -0.76 9.34
CA LYS A 52 26.21 -1.53 10.52
C LYS A 52 24.99 -1.92 11.33
N LYS A 53 25.00 -3.14 11.84
CA LYS A 53 24.08 -3.58 12.87
C LYS A 53 24.60 -3.18 14.23
N PHE A 54 23.69 -2.86 15.14
CA PHE A 54 24.09 -2.39 16.47
C PHE A 54 24.11 -3.48 17.52
N GLY A 55 23.34 -4.55 17.34
CA GLY A 55 23.24 -5.57 18.36
C GLY A 55 22.44 -5.08 19.55
N GLY A 56 22.26 -6.00 20.50
CA GLY A 56 21.60 -5.77 21.75
C GLY A 56 20.23 -5.15 21.56
N ASN A 57 19.81 -4.42 22.59
CA ASN A 57 18.51 -3.76 22.59
C ASN A 57 18.73 -2.39 23.23
N GLN A 58 19.20 -1.44 22.42
CA GLN A 58 19.49 -0.10 22.93
C GLN A 58 18.78 0.97 22.12
N SER A 59 18.35 2.01 22.82
CA SER A 59 17.71 3.16 22.19
C SER A 59 18.76 4.02 21.49
N TYR A 60 18.28 4.99 20.72
CA TYR A 60 19.22 5.90 20.05
C TYR A 60 19.97 6.75 21.07
N GLN A 61 19.36 7.08 22.20
CA GLN A 61 20.09 7.81 23.24
CA GLN A 61 20.09 7.80 23.24
C GLN A 61 21.21 6.94 23.81
N GLN A 62 20.94 5.65 24.00
CA GLN A 62 21.96 4.77 24.57
C GLN A 62 23.12 4.56 23.60
N ILE A 63 22.84 4.48 22.31
CA ILE A 63 23.89 4.21 21.33
C ILE A 63 24.79 5.43 21.13
N GLY A 64 24.20 6.62 21.16
CA GLY A 64 24.88 7.82 20.75
C GLY A 64 24.56 8.18 19.31
N ASN A 65 25.05 9.35 18.90
CA ASN A 65 24.63 9.90 17.62
C ASN A 65 24.98 8.97 16.46
N ILE A 66 24.04 8.81 15.54
CA ILE A 66 24.22 8.03 14.33
C ILE A 66 24.17 8.97 13.15
N SER A 67 25.25 9.03 12.36
CA SER A 67 25.29 9.91 11.20
C SER A 67 25.99 9.21 10.05
N PHE A 68 25.60 9.60 8.83
CA PHE A 68 26.26 9.14 7.61
C PHE A 68 26.74 10.37 6.85
N ASP A 69 28.03 10.41 6.57
CA ASP A 69 28.63 11.42 5.70
C ASP A 69 28.93 10.75 4.37
N TYR A 70 28.16 11.11 3.33
CA TYR A 70 28.12 10.26 2.15
C TYR A 70 28.20 11.09 0.87
N GLY A 71 28.57 10.40 -0.21
CA GLY A 71 28.52 10.95 -1.55
C GLY A 71 28.18 9.85 -2.53
N CYS A 72 27.24 10.10 -3.42
CA CYS A 72 26.80 9.12 -4.39
C CYS A 72 26.71 9.73 -5.77
N ASP A 73 27.32 9.05 -6.73
CA ASP A 73 27.23 9.33 -8.15
C ASP A 73 26.01 8.58 -8.63
N TYR A 74 24.86 9.25 -8.72
CA TYR A 74 23.56 8.58 -8.73
C TYR A 74 22.88 8.77 -10.07
N HIS A 75 22.66 7.67 -10.81
CA HIS A 75 22.12 7.71 -12.16
C HIS A 75 21.06 6.62 -12.39
N PRO A 76 19.90 6.74 -11.73
CA PRO A 76 18.79 5.83 -12.04
C PRO A 76 18.12 6.19 -13.35
N ASN A 77 17.73 5.16 -14.12
CA ASN A 77 17.04 5.40 -15.39
C ASN A 77 15.53 5.21 -15.28
N GLY A 78 15.04 4.79 -14.13
CA GLY A 78 13.65 4.56 -13.86
C GLY A 78 13.39 4.68 -12.37
N ASN A 79 12.57 3.79 -11.81
CA ASN A 79 12.25 3.86 -10.39
C ASN A 79 13.43 3.44 -9.54
N SER A 80 13.71 4.22 -8.51
CA SER A 80 14.88 4.01 -7.67
C SER A 80 14.85 5.02 -6.54
N TYR A 81 15.52 4.70 -5.43
CA TYR A 81 15.74 5.72 -4.42
C TYR A 81 17.06 5.48 -3.71
N LEU A 82 17.54 6.54 -3.09
CA LEU A 82 18.82 6.60 -2.39
C LEU A 82 18.52 7.08 -0.99
N CYS A 83 18.91 6.31 0.03
CA CYS A 83 18.42 6.60 1.37
C CYS A 83 19.33 5.99 2.41
N VAL A 84 19.17 6.44 3.65
CA VAL A 84 19.51 5.61 4.80
C VAL A 84 18.32 4.72 5.08
N TYR A 85 18.61 3.44 5.34
CA TYR A 85 17.63 2.39 5.52
C TYR A 85 17.95 1.66 6.81
N GLY A 86 16.93 1.29 7.58
CA GLY A 86 17.23 0.52 8.77
C GLY A 86 15.99 0.01 9.45
N TRP A 87 16.19 -0.55 10.63
CA TRP A 87 15.11 -1.13 11.42
C TRP A 87 15.28 -0.73 12.88
N THR A 88 14.14 -0.60 13.55
CA THR A 88 14.04 -0.67 15.01
C THR A 88 13.29 -1.94 15.42
N THR A 89 13.53 -2.34 16.66
CA THR A 89 12.72 -3.36 17.32
C THR A 89 12.11 -2.75 18.56
N SER A 90 11.05 -3.37 19.04
CA SER A 90 10.38 -2.99 20.29
C SER A 90 9.97 -1.53 20.29
N PRO A 91 9.14 -1.06 19.34
CA PRO A 91 8.43 -1.80 18.29
C PRO A 91 9.22 -1.97 16.99
N LEU A 92 8.71 -2.84 16.12
CA LEU A 92 9.36 -3.18 14.86
C LEU A 92 8.98 -2.17 13.80
N VAL A 93 9.97 -1.40 13.33
CA VAL A 93 9.75 -0.35 12.34
C VAL A 93 10.86 -0.46 11.31
N GLU A 94 10.47 -0.45 10.03
CA GLU A 94 11.40 -0.29 8.93
C GLU A 94 11.45 1.18 8.59
N PHE A 95 12.65 1.79 8.63
CA PHE A 95 12.73 3.23 8.44
C PHE A 95 13.63 3.64 7.28
N TYR A 96 13.31 4.81 6.74
CA TYR A 96 13.90 5.33 5.52
C TYR A 96 14.12 6.84 5.67
N ILE A 97 15.31 7.30 5.33
CA ILE A 97 15.60 8.72 5.20
C ILE A 97 16.09 8.90 3.76
N VAL A 98 15.21 9.37 2.88
CA VAL A 98 15.42 9.34 1.45
C VAL A 98 15.92 10.72 0.99
N ASP A 99 17.09 10.76 0.35
CA ASP A 99 17.63 12.01 -0.18
C ASP A 99 17.47 12.18 -1.67
N SER A 100 17.39 11.09 -2.44
CA SER A 100 17.12 11.22 -3.87
C SER A 100 16.33 10.03 -4.37
N TRP A 101 15.81 10.17 -5.58
CA TRP A 101 14.96 9.15 -6.17
C TRP A 101 15.03 9.29 -7.68
N GLY A 102 14.51 8.28 -8.36
CA GLY A 102 14.41 8.30 -9.82
C GLY A 102 13.09 8.88 -10.28
N SER A 103 12.28 8.06 -10.93
CA SER A 103 11.07 8.56 -11.56
C SER A 103 9.94 8.79 -10.57
N TRP A 104 9.94 8.08 -9.45
CA TRP A 104 8.84 8.16 -8.49
C TRP A 104 9.39 8.53 -7.13
N ARG A 105 8.74 9.50 -6.49
CA ARG A 105 9.17 9.95 -5.17
C ARG A 105 8.45 9.12 -4.12
N PRO A 106 9.14 8.32 -3.33
CA PRO A 106 8.47 7.46 -2.35
C PRO A 106 7.99 8.27 -1.16
N PRO A 107 7.05 7.75 -0.37
CA PRO A 107 6.40 6.43 -0.46
C PRO A 107 5.01 6.49 -1.05
N GLY A 108 4.58 7.68 -1.45
CA GLY A 108 3.19 7.89 -1.82
C GLY A 108 2.34 8.26 -0.62
N GLY A 109 1.10 8.63 -0.91
CA GLY A 109 0.21 9.05 0.16
C GLY A 109 0.51 10.47 0.61
N SER A 110 -0.09 10.82 1.74
CA SER A 110 0.07 12.17 2.25
C SER A 110 0.90 12.18 3.52
N PRO A 111 1.76 13.18 3.66
CA PRO A 111 2.63 13.23 4.85
C PRO A 111 1.90 13.67 6.10
N LYS A 112 2.44 13.22 7.23
CA LYS A 112 2.00 13.68 8.54
C LYS A 112 2.45 15.11 8.80
N GLY A 113 3.60 15.48 8.25
CA GLY A 113 4.19 16.76 8.54
C GLY A 113 5.48 16.91 7.79
N GLN A 114 6.22 17.97 8.15
CA GLN A 114 7.53 18.24 7.57
C GLN A 114 8.50 18.59 8.68
N ILE A 115 9.75 18.22 8.48
CA ILE A 115 10.82 18.50 9.43
C ILE A 115 12.00 19.09 8.67
N TYR A 116 12.93 19.67 9.40
CA TYR A 116 14.11 20.32 8.82
C TYR A 116 15.37 19.73 9.45
N VAL A 117 16.17 19.03 8.65
CA VAL A 117 17.36 18.33 9.13
C VAL A 117 18.45 18.47 8.08
N ASP A 118 19.68 18.69 8.52
CA ASP A 118 20.84 18.77 7.62
C ASP A 118 20.61 19.71 6.44
N GLY A 119 20.04 20.89 6.72
CA GLY A 119 19.83 21.90 5.70
C GLY A 119 18.71 21.61 4.72
N GLY A 120 17.95 20.53 4.89
CA GLY A 120 16.91 20.17 3.96
C GLY A 120 15.59 19.99 4.67
N THR A 121 14.51 20.15 3.91
CA THR A 121 13.17 19.89 4.40
C THR A 121 12.77 18.48 3.99
N TYR A 122 12.21 17.72 4.93
CA TYR A 122 11.80 16.34 4.72
C TYR A 122 10.33 16.17 5.04
N ASP A 123 9.57 15.62 4.10
CA ASP A 123 8.22 15.18 4.40
C ASP A 123 8.29 13.90 5.23
N VAL A 124 7.41 13.77 6.22
CA VAL A 124 7.40 12.61 7.14
C VAL A 124 6.15 11.79 6.88
N TYR A 125 6.32 10.47 6.73
CA TYR A 125 5.23 9.55 6.45
C TYR A 125 5.31 8.35 7.38
N GLU A 126 4.15 7.74 7.66
CA GLU A 126 4.07 6.50 8.42
C GLU A 126 3.05 5.60 7.75
N THR A 127 3.42 4.33 7.59
CA THR A 127 2.56 3.32 6.97
C THR A 127 2.60 2.06 7.80
N THR A 128 1.73 1.11 7.46
CA THR A 128 1.71 -0.22 8.03
C THR A 128 1.88 -1.24 6.91
N ARG A 129 2.77 -2.20 7.12
CA ARG A 129 2.92 -3.35 6.25
C ARG A 129 2.40 -4.58 6.98
N VAL A 130 1.43 -5.28 6.38
CA VAL A 130 0.75 -6.39 7.05
C VAL A 130 1.27 -7.70 6.48
N ASN A 131 1.74 -8.58 7.37
CA ASN A 131 2.22 -9.92 7.02
CA ASN A 131 2.23 -9.92 7.03
C ASN A 131 3.20 -9.88 5.85
N GLN A 132 4.28 -9.14 6.04
CA GLN A 132 5.33 -8.99 5.05
C GLN A 132 6.67 -9.42 5.63
N PRO A 133 7.64 -9.81 4.79
CA PRO A 133 8.93 -10.22 5.34
C PRO A 133 9.62 -9.09 6.10
N SER A 134 10.35 -9.46 7.14
CA SER A 134 11.01 -8.49 8.01
C SER A 134 12.21 -9.16 8.66
N ILE A 135 12.95 -8.38 9.45
CA ILE A 135 14.05 -8.94 10.24
C ILE A 135 13.58 -9.89 11.32
N GLN A 136 12.29 -9.92 11.62
CA GLN A 136 11.72 -10.86 12.58
C GLN A 136 10.66 -11.74 11.91
N GLY A 137 10.93 -12.15 10.69
CA GLY A 137 10.06 -13.04 9.95
C GLY A 137 8.89 -12.31 9.33
N ASN A 138 7.98 -13.10 8.77
CA ASN A 138 6.79 -12.51 8.16
C ASN A 138 5.86 -12.02 9.27
N THR A 139 5.64 -10.70 9.33
CA THR A 139 4.84 -10.14 10.40
C THR A 139 4.36 -8.77 9.97
N THR A 140 3.74 -8.05 10.88
CA THR A 140 3.20 -6.72 10.65
C THR A 140 4.09 -5.71 11.36
N PHE A 141 4.41 -4.61 10.66
CA PHE A 141 5.31 -3.61 11.18
C PHE A 141 4.96 -2.27 10.57
N GLN A 142 5.42 -1.21 11.22
CA GLN A 142 5.27 0.14 10.72
C GLN A 142 6.46 0.49 9.85
N GLN A 143 6.24 1.42 8.92
CA GLN A 143 7.32 2.07 8.18
C GLN A 143 7.32 3.55 8.53
N TYR A 144 8.50 4.11 8.81
CA TYR A 144 8.69 5.55 8.95
C TYR A 144 9.50 6.05 7.77
N PHE A 145 9.09 7.16 7.18
CA PHE A 145 9.83 7.79 6.10
C PHE A 145 10.07 9.25 6.40
N SER A 146 11.30 9.71 6.17
CA SER A 146 11.61 11.12 5.89
C SER A 146 12.03 11.20 4.43
N VAL A 147 11.41 12.06 3.64
CA VAL A 147 11.73 12.18 2.21
C VAL A 147 12.03 13.63 1.89
N ARG A 148 13.26 13.89 1.43
CA ARG A 148 13.67 15.26 1.14
C ARG A 148 12.76 15.88 0.07
N THR A 149 12.46 17.16 0.23
CA THR A 149 11.55 17.77 -0.74
C THR A 149 12.20 18.04 -2.09
N GLU A 150 13.52 18.15 -2.13
CA GLU A 150 14.30 18.27 -3.35
C GLU A 150 15.43 17.27 -3.26
N ARG A 151 15.80 16.69 -4.40
CA ARG A 151 16.85 15.68 -4.43
C ARG A 151 18.22 16.24 -4.07
N ARG A 152 19.03 15.41 -3.40
CA ARG A 152 20.46 15.66 -3.28
C ARG A 152 21.16 14.31 -3.20
N THR A 153 22.45 14.29 -3.52
CA THR A 153 23.16 13.02 -3.56
C THR A 153 24.48 13.05 -2.80
N SER A 154 24.71 14.04 -1.95
CA SER A 154 25.85 14.04 -1.06
C SER A 154 25.56 14.97 0.12
N GLY A 155 26.17 14.67 1.24
CA GLY A 155 26.03 15.49 2.42
C GLY A 155 26.06 14.60 3.66
N THR A 156 25.55 15.14 4.76
CA THR A 156 25.45 14.40 6.00
C THR A 156 23.99 14.07 6.28
N ILE A 157 23.69 12.83 6.62
CA ILE A 157 22.38 12.47 7.16
C ILE A 157 22.55 12.18 8.65
N ASN A 158 21.97 13.04 9.47
CA ASN A 158 22.02 12.90 10.92
C ASN A 158 20.79 12.06 11.31
N VAL A 159 20.99 10.74 11.35
CA VAL A 159 19.91 9.81 11.61
C VAL A 159 19.25 10.10 12.94
N THR A 160 20.07 10.33 13.97
CA THR A 160 19.52 10.64 15.29
C THR A 160 18.54 11.80 15.24
N GLU A 161 18.83 12.82 14.44
CA GLU A 161 17.95 13.98 14.39
C GLU A 161 16.61 13.63 13.75
N HIS A 162 16.61 12.73 12.76
CA HIS A 162 15.33 12.24 12.23
C HIS A 162 14.57 11.45 13.29
N PHE A 163 15.27 10.61 14.05
CA PHE A 163 14.62 9.87 15.14
C PHE A 163 13.94 10.83 16.10
N LYS A 164 14.65 11.88 16.51
CA LYS A 164 14.09 12.84 17.47
C LYS A 164 12.88 13.55 16.88
N ALA A 165 12.97 13.98 15.63
CA ALA A 165 11.85 14.64 14.99
C ALA A 165 10.65 13.70 14.86
N TRP A 166 10.90 12.44 14.49
CA TRP A 166 9.80 11.47 14.41
C TRP A 166 9.12 11.33 15.76
N GLU A 167 9.92 11.24 16.83
CA GLU A 167 9.36 11.15 18.18
C GLU A 167 8.47 12.34 18.47
N ARG A 168 8.92 13.55 18.13
CA ARG A 168 8.12 14.74 18.41
C ARG A 168 6.81 14.71 17.66
N MET A 169 6.78 14.10 16.47
CA MET A 169 5.54 13.91 15.72
C MET A 169 4.71 12.75 16.23
N GLY A 170 5.07 12.17 17.38
CA GLY A 170 4.30 11.09 17.94
C GLY A 170 4.68 9.69 17.49
N MET A 171 5.72 9.54 16.67
CA MET A 171 6.12 8.22 16.19
C MET A 171 7.15 7.62 17.12
N ARG A 172 6.79 6.49 17.72
CA ARG A 172 7.55 5.87 18.79
C ARG A 172 8.86 5.27 18.28
N MET A 173 9.93 5.51 19.04
CA MET A 173 11.24 4.98 18.70
C MET A 173 11.64 3.95 19.72
N GLY A 174 11.88 2.72 19.25
CA GLY A 174 12.35 1.63 20.05
C GLY A 174 13.86 1.49 19.98
N ASN A 175 14.31 0.25 20.02
CA ASN A 175 15.74 -0.03 19.98
C ASN A 175 16.23 -0.08 18.54
N ILE A 176 17.40 0.51 18.29
CA ILE A 176 17.91 0.62 16.92
C ILE A 176 18.65 -0.66 16.55
N TYR A 177 18.22 -1.29 15.46
CA TYR A 177 18.75 -2.59 15.04
C TYR A 177 19.91 -2.45 14.04
N GLU A 178 19.74 -1.58 13.04
CA GLU A 178 20.74 -1.38 12.01
C GLU A 178 20.41 -0.09 11.28
N ALA A 179 21.42 0.45 10.58
CA ALA A 179 21.23 1.56 9.67
C ALA A 179 22.26 1.40 8.56
N ALA A 180 21.87 1.72 7.33
CA ALA A 180 22.77 1.55 6.20
C ALA A 180 22.48 2.57 5.13
N LEU A 181 23.49 2.87 4.31
CA LEU A 181 23.28 3.69 3.14
C LEU A 181 22.86 2.73 2.02
N ASN A 182 21.77 3.05 1.35
CA ASN A 182 20.99 2.05 0.61
C ASN A 182 20.57 2.61 -0.74
N VAL A 183 20.74 1.80 -1.80
CA VAL A 183 20.25 2.10 -3.15
C VAL A 183 19.22 1.03 -3.50
N GLU A 184 18.01 1.47 -3.89
CA GLU A 184 16.95 0.59 -4.31
C GLU A 184 16.67 0.82 -5.78
N GLY A 185 16.32 -0.26 -6.49
CA GLY A 185 15.80 -0.16 -7.83
C GLY A 185 14.54 -0.97 -8.01
N TYR A 186 13.67 -0.50 -8.91
CA TYR A 186 12.41 -1.17 -9.17
C TYR A 186 12.13 -1.09 -10.65
N GLN A 187 11.92 -2.25 -11.29
CA GLN A 187 11.50 -2.34 -12.69
C GLN A 187 12.25 -1.34 -13.57
N SER A 188 13.58 -1.36 -13.47
CA SER A 188 14.39 -0.34 -14.11
C SER A 188 15.83 -0.81 -14.28
N SER A 189 16.63 0.08 -14.84
CA SER A 189 18.08 -0.01 -14.87
C SER A 189 18.67 1.25 -14.23
N GLY A 190 19.94 1.17 -13.89
CA GLY A 190 20.63 2.36 -13.42
C GLY A 190 22.00 2.01 -12.87
N SER A 191 22.70 3.05 -12.43
CA SER A 191 23.96 2.91 -11.73
C SER A 191 23.98 3.89 -10.56
N ALA A 192 24.78 3.55 -9.54
CA ALA A 192 24.92 4.40 -8.38
C ALA A 192 26.26 4.05 -7.75
N ASN A 193 27.17 4.99 -7.72
CA ASN A 193 28.45 4.75 -7.07
C ASN A 193 28.45 5.50 -5.74
N VAL A 194 28.33 4.75 -4.66
CA VAL A 194 28.46 5.30 -3.32
C VAL A 194 29.96 5.40 -3.03
N TYR A 195 30.57 6.48 -3.51
CA TYR A 195 32.01 6.65 -3.43
C TYR A 195 32.47 7.19 -2.09
N LYS A 196 31.53 7.67 -1.26
CA LYS A 196 31.85 8.06 0.09
C LYS A 196 30.69 7.63 0.99
N ASN A 197 31.02 7.01 2.12
CA ASN A 197 30.00 6.56 3.07
C ASN A 197 30.71 6.35 4.41
N ASN A 198 30.80 7.41 5.19
CA ASN A 198 31.44 7.37 6.50
C ASN A 198 30.32 7.35 7.54
N MET A 199 30.05 6.17 8.07
CA MET A 199 29.13 6.03 9.19
C MET A 199 29.85 6.32 10.50
N THR A 200 29.30 7.25 11.30
CA THR A 200 29.87 7.51 12.61
C THR A 200 28.81 7.22 13.66
N ILE A 201 29.26 6.67 14.78
CA ILE A 201 28.38 6.23 15.86
C ILE A 201 28.99 6.77 17.15
N GLY A 202 28.24 7.59 17.87
CA GLY A 202 28.69 8.15 19.14
C GLY A 202 29.90 9.08 19.03
N THR B 2 -12.81 -22.18 5.90
CA THR B 2 -13.52 -22.90 4.85
C THR B 2 -13.24 -22.27 3.50
N THR B 3 -12.92 -23.08 2.51
CA THR B 3 -12.67 -22.63 1.16
C THR B 3 -13.83 -23.04 0.27
N LEU B 4 -14.38 -22.09 -0.48
CA LEU B 4 -15.46 -22.36 -1.44
C LEU B 4 -14.91 -22.29 -2.85
N TYR B 5 -15.29 -23.25 -3.68
CA TYR B 5 -14.90 -23.26 -5.09
C TYR B 5 -16.05 -22.98 -6.04
N GLU B 6 -17.29 -23.10 -5.59
CA GLU B 6 -18.43 -22.91 -6.48
C GLU B 6 -19.38 -21.88 -5.86
N ASN B 7 -20.32 -21.43 -6.69
CA ASN B 7 -21.23 -20.36 -6.30
C ASN B 7 -21.89 -20.68 -4.97
N LYS B 8 -21.91 -19.70 -4.08
CA LYS B 8 -22.51 -19.90 -2.77
C LYS B 8 -22.73 -18.57 -2.08
N THR B 9 -23.82 -18.49 -1.33
CA THR B 9 -24.11 -17.38 -0.44
C THR B 9 -24.35 -17.94 0.96
N GLY B 10 -24.11 -17.09 1.96
CA GLY B 10 -24.29 -17.53 3.33
C GLY B 10 -23.89 -16.42 4.27
N THR B 11 -23.77 -16.78 5.55
CA THR B 11 -23.34 -15.86 6.58
C THR B 11 -22.28 -16.50 7.45
N GLU B 12 -21.25 -15.75 7.78
CA GLU B 12 -20.23 -16.18 8.74
C GLU B 12 -19.95 -15.03 9.70
N ASP B 13 -20.13 -15.29 11.00
CA ASP B 13 -19.79 -14.33 12.05
C ASP B 13 -20.50 -12.99 11.86
N GLY B 14 -21.75 -13.05 11.42
CA GLY B 14 -22.50 -11.84 11.20
C GLY B 14 -22.30 -11.18 9.85
N TYR B 15 -21.39 -11.70 9.02
CA TYR B 15 -21.16 -11.13 7.70
C TYR B 15 -21.79 -12.01 6.63
N ASP B 16 -22.63 -11.42 5.79
CA ASP B 16 -23.11 -12.13 4.61
C ASP B 16 -21.97 -12.21 3.60
N TYR B 17 -21.77 -13.40 3.02
CA TYR B 17 -20.73 -13.61 2.03
C TYR B 17 -21.35 -14.13 0.74
N GLU B 18 -20.63 -13.89 -0.36
CA GLU B 18 -20.99 -14.49 -1.64
C GLU B 18 -19.74 -14.71 -2.45
N LEU B 19 -19.64 -15.91 -3.05
CA LEU B 19 -18.79 -16.18 -4.20
C LEU B 19 -19.73 -16.38 -5.39
N TRP B 20 -19.44 -15.74 -6.52
CA TRP B 20 -20.23 -16.00 -7.71
C TRP B 20 -19.34 -15.90 -8.94
N LYS B 21 -19.53 -16.81 -9.89
CA LYS B 21 -18.96 -16.67 -11.22
C LYS B 21 -19.92 -17.30 -12.22
N ASP B 22 -19.96 -16.74 -13.42
CA ASP B 22 -20.74 -17.43 -14.44
C ASP B 22 -19.98 -18.63 -14.99
N SER B 23 -18.66 -18.50 -15.10
CA SER B 23 -17.82 -19.62 -15.52
C SER B 23 -16.39 -19.32 -15.13
N GLY B 24 -15.60 -20.38 -14.96
CA GLY B 24 -14.19 -20.27 -14.69
C GLY B 24 -13.84 -20.73 -13.29
N ASN B 25 -12.57 -20.51 -12.93
CA ASN B 25 -12.01 -20.96 -11.65
C ASN B 25 -12.13 -19.87 -10.60
N THR B 26 -12.69 -20.22 -9.45
CA THR B 26 -12.81 -19.31 -8.31
C THR B 26 -12.55 -20.07 -7.01
N SER B 27 -11.79 -19.45 -6.11
CA SER B 27 -11.69 -19.95 -4.75
C SER B 27 -11.82 -18.78 -3.79
N MET B 28 -12.57 -18.98 -2.71
CA MET B 28 -12.77 -17.95 -1.69
C MET B 28 -12.58 -18.58 -0.33
N ILE B 29 -11.61 -18.07 0.43
CA ILE B 29 -11.35 -18.58 1.78
C ILE B 29 -12.10 -17.70 2.76
N LEU B 30 -13.02 -18.31 3.51
CA LEU B 30 -13.78 -17.63 4.56
C LEU B 30 -12.99 -17.74 5.87
N ASN B 31 -12.43 -16.62 6.32
CA ASN B 31 -11.45 -16.55 7.41
C ASN B 31 -12.04 -16.06 8.73
N GLY B 32 -13.36 -15.97 8.87
CA GLY B 32 -13.96 -15.41 10.05
C GLY B 32 -14.12 -13.90 9.97
N GLY B 33 -15.05 -13.38 10.78
CA GLY B 33 -15.31 -11.95 10.78
C GLY B 33 -15.68 -11.47 9.39
N GLY B 34 -15.11 -10.33 9.01
CA GLY B 34 -15.37 -9.81 7.68
C GLY B 34 -14.31 -10.15 6.65
N THR B 35 -13.34 -10.99 6.98
CA THR B 35 -12.19 -11.19 6.13
C THR B 35 -12.36 -12.40 5.22
N PHE B 36 -11.60 -12.39 4.13
CA PHE B 36 -11.66 -13.45 3.14
C PHE B 36 -10.50 -13.29 2.17
N SER B 37 -10.10 -14.39 1.54
CA SER B 37 -9.11 -14.32 0.48
C SER B 37 -9.69 -14.99 -0.76
N CYS B 38 -9.31 -14.51 -1.93
CA CYS B 38 -9.91 -15.10 -3.12
C CYS B 38 -8.89 -15.16 -4.25
N GLN B 39 -9.15 -16.06 -5.18
CA GLN B 39 -8.33 -16.25 -6.36
C GLN B 39 -9.25 -16.59 -7.52
N TRP B 40 -8.93 -16.08 -8.70
CA TRP B 40 -9.74 -16.37 -9.88
C TRP B 40 -8.85 -16.50 -11.11
N SER B 41 -9.35 -17.24 -12.10
CA SER B 41 -8.65 -17.37 -13.38
C SER B 41 -9.62 -17.93 -14.41
N ASN B 42 -9.41 -17.55 -15.68
CA ASN B 42 -10.19 -18.07 -16.79
C ASN B 42 -11.69 -17.88 -16.56
N ILE B 43 -12.06 -16.73 -16.01
CA ILE B 43 -13.44 -16.41 -15.70
C ILE B 43 -14.01 -15.53 -16.79
N ASN B 44 -15.34 -15.48 -16.86
CA ASN B 44 -16.03 -14.41 -17.60
C ASN B 44 -16.30 -13.28 -16.60
N ASN B 45 -17.25 -13.49 -15.69
CA ASN B 45 -17.50 -12.56 -14.61
C ASN B 45 -17.33 -13.29 -13.28
N CYS B 46 -16.79 -12.60 -12.28
CA CYS B 46 -16.81 -13.17 -10.93
C CYS B 46 -16.83 -12.06 -9.90
N LEU B 47 -17.27 -12.42 -8.70
CA LEU B 47 -17.30 -11.50 -7.57
C LEU B 47 -17.07 -12.30 -6.29
N PHE B 48 -16.44 -11.64 -5.32
CA PHE B 48 -16.27 -12.16 -3.96
C PHE B 48 -16.58 -11.03 -3.00
N ARG B 49 -17.40 -11.28 -1.96
CA ARG B 49 -17.74 -10.16 -1.09
C ARG B 49 -18.12 -10.61 0.30
N LYS B 50 -17.93 -9.70 1.27
CA LYS B 50 -18.46 -9.87 2.62
C LYS B 50 -19.03 -8.55 3.09
N GLY B 51 -20.21 -8.58 3.69
CA GLY B 51 -20.86 -7.35 4.07
C GLY B 51 -22.09 -7.68 4.87
N LYS B 52 -23.03 -6.73 4.92
CA LYS B 52 -24.26 -6.95 5.66
C LYS B 52 -25.46 -6.41 4.88
N LYS B 53 -26.60 -7.05 5.10
CA LYS B 53 -27.89 -6.62 4.56
C LYS B 53 -28.66 -5.94 5.68
N PHE B 54 -29.10 -4.72 5.45
CA PHE B 54 -29.80 -3.96 6.47
C PHE B 54 -31.26 -4.38 6.53
N GLY B 55 -31.80 -4.43 7.73
CA GLY B 55 -33.18 -4.81 7.91
C GLY B 55 -34.15 -3.70 7.52
N GLY B 56 -35.41 -4.09 7.39
CA GLY B 56 -36.49 -3.17 7.06
C GLY B 56 -36.20 -2.42 5.78
N ASN B 57 -36.71 -1.19 5.73
CA ASN B 57 -36.46 -0.27 4.62
C ASN B 57 -36.05 1.05 5.26
N GLN B 58 -34.75 1.22 5.48
CA GLN B 58 -34.22 2.32 6.27
C GLN B 58 -33.35 3.23 5.44
N SER B 59 -33.46 4.53 5.71
CA SER B 59 -32.58 5.49 5.08
C SER B 59 -31.19 5.40 5.69
N TYR B 60 -30.21 5.95 4.97
CA TYR B 60 -28.87 5.95 5.54
C TYR B 60 -28.81 6.78 6.82
N GLN B 61 -29.72 7.75 6.98
CA GLN B 61 -29.72 8.52 8.21
C GLN B 61 -30.26 7.72 9.38
N GLN B 62 -31.27 6.87 9.14
CA GLN B 62 -31.77 6.01 10.21
C GLN B 62 -30.75 4.94 10.60
N ILE B 63 -30.06 4.36 9.61
CA ILE B 63 -29.13 3.28 9.91
C ILE B 63 -27.98 3.78 10.78
N GLY B 64 -27.57 5.03 10.60
CA GLY B 64 -26.34 5.52 11.18
C GLY B 64 -25.18 5.31 10.23
N ASN B 65 -24.03 5.85 10.62
CA ASN B 65 -22.87 5.83 9.76
C ASN B 65 -22.51 4.41 9.34
N ILE B 66 -22.27 4.23 8.06
CA ILE B 66 -21.76 2.98 7.51
C ILE B 66 -20.33 3.24 7.07
N SER B 67 -19.38 2.47 7.63
CA SER B 67 -17.96 2.58 7.28
C SER B 67 -17.32 1.21 7.18
N PHE B 68 -16.28 1.12 6.34
CA PHE B 68 -15.45 -0.08 6.21
C PHE B 68 -14.00 0.32 6.46
N ASP B 69 -13.41 -0.24 7.52
CA ASP B 69 -11.97 -0.13 7.80
C ASP B 69 -11.32 -1.41 7.29
N TYR B 70 -10.59 -1.31 6.18
CA TYR B 70 -10.20 -2.53 5.47
C TYR B 70 -8.73 -2.48 5.06
N GLY B 71 -8.21 -3.65 4.73
CA GLY B 71 -6.94 -3.76 4.05
C GLY B 71 -6.90 -5.00 3.17
N CYS B 72 -6.28 -4.89 2.00
CA CYS B 72 -6.30 -5.97 1.02
C CYS B 72 -4.96 -6.03 0.33
N ASP B 73 -4.41 -7.24 0.26
CA ASP B 73 -3.27 -7.56 -0.60
C ASP B 73 -3.85 -7.88 -1.97
N TYR B 74 -3.85 -6.89 -2.85
CA TYR B 74 -4.67 -6.89 -4.07
C TYR B 74 -3.77 -7.07 -5.29
N HIS B 75 -3.96 -8.16 -6.03
CA HIS B 75 -3.07 -8.51 -7.15
C HIS B 75 -3.88 -9.00 -8.36
N PRO B 76 -4.60 -8.09 -9.01
CA PRO B 76 -5.30 -8.46 -10.25
C PRO B 76 -4.33 -8.60 -11.40
N ASN B 77 -4.65 -9.54 -12.29
CA ASN B 77 -3.99 -9.66 -13.60
C ASN B 77 -5.07 -9.47 -14.64
N GLY B 78 -5.39 -8.22 -14.94
CA GLY B 78 -6.42 -7.92 -15.92
C GLY B 78 -7.54 -7.12 -15.28
N ASN B 79 -8.71 -7.11 -15.91
CA ASN B 79 -9.82 -6.31 -15.44
C ASN B 79 -10.30 -6.79 -14.08
N SER B 80 -10.39 -5.87 -13.13
CA SER B 80 -10.80 -6.18 -11.77
C SER B 80 -11.00 -4.86 -11.04
N TYR B 81 -11.82 -4.86 -10.00
CA TYR B 81 -11.81 -3.73 -9.08
C TYR B 81 -12.09 -4.20 -7.66
N LEU B 82 -11.67 -3.34 -6.73
CA LEU B 82 -11.82 -3.51 -5.29
C LEU B 82 -12.65 -2.35 -4.79
N CYS B 83 -13.77 -2.64 -4.15
CA CYS B 83 -14.72 -1.57 -3.90
C CYS B 83 -15.64 -1.94 -2.74
N VAL B 84 -16.37 -0.93 -2.22
CA VAL B 84 -17.60 -1.20 -1.51
C VAL B 84 -18.73 -1.24 -2.52
N TYR B 85 -19.61 -2.23 -2.38
CA TYR B 85 -20.66 -2.53 -3.33
C TYR B 85 -21.97 -2.63 -2.56
N GLY B 86 -23.04 -2.10 -3.12
CA GLY B 86 -24.34 -2.30 -2.49
C GLY B 86 -25.49 -1.87 -3.36
N TRP B 87 -26.67 -1.86 -2.74
CA TRP B 87 -27.91 -1.49 -3.40
C TRP B 87 -28.73 -0.57 -2.50
N THR B 88 -29.52 0.28 -3.14
CA THR B 88 -30.63 0.97 -2.49
C THR B 88 -31.91 0.61 -3.24
N THR B 89 -33.05 0.84 -2.57
CA THR B 89 -34.35 0.71 -3.20
C THR B 89 -35.09 2.03 -3.06
N SER B 90 -36.03 2.28 -3.98
CA SER B 90 -36.86 3.47 -3.98
C SER B 90 -36.06 4.78 -3.81
N PRO B 91 -35.19 5.12 -4.78
CA PRO B 91 -34.93 4.47 -6.07
C PRO B 91 -34.01 3.27 -6.03
N LEU B 92 -34.15 2.40 -7.03
CA LEU B 92 -33.28 1.23 -7.18
C LEU B 92 -31.95 1.68 -7.76
N VAL B 93 -30.88 1.55 -6.98
CA VAL B 93 -29.55 1.97 -7.38
C VAL B 93 -28.55 0.89 -6.98
N GLU B 94 -27.65 0.54 -7.91
CA GLU B 94 -26.49 -0.29 -7.60
C GLU B 94 -25.30 0.65 -7.43
N PHE B 95 -24.65 0.61 -6.28
CA PHE B 95 -23.62 1.59 -6.02
C PHE B 95 -22.26 0.97 -5.71
N TYR B 96 -21.23 1.75 -5.98
CA TYR B 96 -19.84 1.32 -5.98
C TYR B 96 -18.96 2.44 -5.46
N ILE B 97 -18.10 2.13 -4.50
CA ILE B 97 -17.06 3.04 -4.05
C ILE B 97 -15.74 2.31 -4.31
N VAL B 98 -15.06 2.65 -5.40
CA VAL B 98 -13.94 1.88 -5.93
C VAL B 98 -12.64 2.50 -5.45
N ASP B 99 -11.83 1.74 -4.71
CA ASP B 99 -10.53 2.23 -4.25
C ASP B 99 -9.36 1.74 -5.08
N SER B 100 -9.45 0.56 -5.71
CA SER B 100 -8.41 0.12 -6.61
C SER B 100 -9.00 -0.68 -7.77
N TRP B 101 -8.18 -0.89 -8.80
CA TRP B 101 -8.63 -1.59 -10.00
C TRP B 101 -7.43 -2.21 -10.70
N GLY B 102 -7.70 -3.11 -11.62
CA GLY B 102 -6.66 -3.74 -12.42
C GLY B 102 -6.32 -2.94 -13.66
N SER B 103 -6.55 -3.52 -14.83
CA SER B 103 -6.13 -2.95 -16.10
C SER B 103 -7.11 -1.94 -16.68
N TRP B 104 -8.35 -1.90 -16.17
CA TRP B 104 -9.36 -0.98 -16.66
C TRP B 104 -9.97 -0.24 -15.48
N ARG B 105 -9.95 1.08 -15.55
CA ARG B 105 -10.52 1.89 -14.47
C ARG B 105 -12.01 2.03 -14.70
N PRO B 106 -12.86 1.49 -13.84
CA PRO B 106 -14.31 1.56 -14.05
C PRO B 106 -14.82 2.97 -13.80
N PRO B 107 -15.99 3.33 -14.34
CA PRO B 107 -16.91 2.54 -15.16
C PRO B 107 -16.80 2.91 -16.63
N GLY B 108 -15.82 3.74 -16.97
CA GLY B 108 -15.70 4.30 -18.30
C GLY B 108 -16.53 5.56 -18.46
N GLY B 109 -16.41 6.16 -19.63
CA GLY B 109 -17.14 7.39 -19.85
C GLY B 109 -16.56 8.56 -19.07
N SER B 110 -17.40 9.57 -18.89
CA SER B 110 -17.02 10.85 -18.32
C SER B 110 -17.72 11.05 -16.98
N PRO B 111 -17.01 11.52 -15.97
CA PRO B 111 -17.63 11.71 -14.66
C PRO B 111 -18.53 12.93 -14.61
N LYS B 112 -19.54 12.82 -13.75
CA LYS B 112 -20.40 13.95 -13.44
C LYS B 112 -19.66 15.01 -12.63
N GLY B 113 -18.73 14.58 -11.79
CA GLY B 113 -17.99 15.50 -10.95
C GLY B 113 -16.95 14.75 -10.14
N GLN B 114 -16.40 15.45 -9.15
CA GLN B 114 -15.40 14.90 -8.25
C GLN B 114 -15.73 15.29 -6.83
N ILE B 115 -15.41 14.40 -5.88
CA ILE B 115 -15.63 14.62 -4.46
C ILE B 115 -14.36 14.23 -3.70
N TYR B 116 -14.34 14.60 -2.42
CA TYR B 116 -13.19 14.37 -1.55
C TYR B 116 -13.68 13.64 -0.30
N VAL B 117 -13.25 12.40 -0.11
CA VAL B 117 -13.67 11.55 1.00
C VAL B 117 -12.48 10.72 1.47
N ASP B 118 -12.34 10.59 2.78
CA ASP B 118 -11.30 9.73 3.37
C ASP B 118 -9.93 10.04 2.80
N GLY B 119 -9.61 11.33 2.69
CA GLY B 119 -8.31 11.76 2.22
C GLY B 119 -8.03 11.56 0.76
N GLY B 120 -9.02 11.16 -0.04
CA GLY B 120 -8.80 10.94 -1.45
C GLY B 120 -9.86 11.63 -2.29
N THR B 121 -9.51 11.86 -3.55
CA THR B 121 -10.43 12.43 -4.52
C THR B 121 -11.06 11.29 -5.32
N TYR B 122 -12.37 11.36 -5.48
CA TYR B 122 -13.12 10.33 -6.19
C TYR B 122 -13.86 10.98 -7.35
N ASP B 123 -13.65 10.44 -8.54
CA ASP B 123 -14.51 10.80 -9.67
C ASP B 123 -15.88 10.18 -9.44
N VAL B 124 -16.93 10.91 -9.76
CA VAL B 124 -18.30 10.45 -9.53
C VAL B 124 -18.96 10.25 -10.88
N TYR B 125 -19.56 9.07 -11.08
CA TYR B 125 -20.23 8.71 -12.31
C TYR B 125 -21.65 8.23 -12.01
N GLU B 126 -22.55 8.43 -12.98
CA GLU B 126 -23.88 7.85 -12.92
C GLU B 126 -24.17 7.24 -14.28
N THR B 127 -24.74 6.05 -14.30
CA THR B 127 -25.05 5.40 -15.56
C THR B 127 -26.35 4.61 -15.39
N THR B 128 -26.93 4.22 -16.52
CA THR B 128 -28.17 3.47 -16.55
C THR B 128 -27.91 2.06 -17.04
N ARG B 129 -28.40 1.08 -16.28
CA ARG B 129 -28.44 -0.31 -16.71
C ARG B 129 -29.87 -0.60 -17.16
N VAL B 130 -30.01 -1.09 -18.39
CA VAL B 130 -31.31 -1.24 -19.05
C VAL B 130 -31.63 -2.73 -19.14
N ASN B 131 -32.73 -3.14 -18.50
CA ASN B 131 -33.19 -4.53 -18.53
C ASN B 131 -32.07 -5.49 -18.14
N GLN B 132 -31.48 -5.24 -16.97
CA GLN B 132 -30.37 -6.03 -16.45
C GLN B 132 -30.74 -6.66 -15.12
N PRO B 133 -30.08 -7.75 -14.74
CA PRO B 133 -30.41 -8.40 -13.47
C PRO B 133 -30.10 -7.51 -12.27
N SER B 134 -30.88 -7.68 -11.22
CA SER B 134 -30.86 -6.80 -10.06
C SER B 134 -31.51 -7.52 -8.90
N ILE B 135 -31.49 -6.89 -7.73
CA ILE B 135 -32.17 -7.46 -6.57
C ILE B 135 -33.68 -7.49 -6.73
N GLN B 136 -34.20 -6.87 -7.79
CA GLN B 136 -35.63 -6.88 -8.09
C GLN B 136 -35.92 -7.52 -9.45
N GLY B 137 -35.04 -8.40 -9.91
CA GLY B 137 -35.20 -9.03 -11.21
C GLY B 137 -34.63 -8.17 -12.33
N ASN B 138 -34.82 -8.67 -13.55
CA ASN B 138 -34.41 -7.92 -14.74
C ASN B 138 -35.20 -6.62 -14.81
N THR B 139 -34.51 -5.49 -14.85
CA THR B 139 -35.18 -4.20 -14.78
C THR B 139 -34.16 -3.12 -15.14
N THR B 140 -34.61 -1.88 -15.07
CA THR B 140 -33.79 -0.72 -15.43
C THR B 140 -33.50 0.07 -14.16
N PHE B 141 -32.22 0.39 -13.95
CA PHE B 141 -31.83 1.09 -12.73
C PHE B 141 -30.55 1.86 -12.98
N GLN B 142 -30.28 2.78 -12.05
CA GLN B 142 -29.07 3.58 -12.06
C GLN B 142 -27.94 2.85 -11.34
N GLN B 143 -26.72 3.10 -11.79
CA GLN B 143 -25.51 2.82 -11.04
C GLN B 143 -24.89 4.13 -10.61
N TYR B 144 -24.43 4.18 -9.35
CA TYR B 144 -23.64 5.30 -8.84
C TYR B 144 -22.23 4.79 -8.56
N PHE B 145 -21.22 5.51 -9.05
CA PHE B 145 -19.83 5.16 -8.82
C PHE B 145 -19.09 6.32 -8.18
N SER B 146 -18.31 6.03 -7.15
CA SER B 146 -17.17 6.85 -6.75
C SER B 146 -15.93 6.06 -7.09
N VAL B 147 -14.99 6.66 -7.83
CA VAL B 147 -13.77 5.97 -8.24
C VAL B 147 -12.58 6.82 -7.85
N ARG B 148 -11.75 6.32 -6.94
CA ARG B 148 -10.59 7.08 -6.49
C ARG B 148 -9.67 7.40 -7.66
N THR B 149 -9.06 8.59 -7.63
CA THR B 149 -8.23 9.01 -8.75
C THR B 149 -6.89 8.30 -8.77
N GLU B 150 -6.42 7.86 -7.61
CA GLU B 150 -5.22 7.05 -7.46
C GLU B 150 -5.59 5.82 -6.64
N ARG B 151 -5.04 4.68 -7.01
CA ARG B 151 -5.39 3.44 -6.32
C ARG B 151 -4.89 3.45 -4.88
N ARG B 152 -5.67 2.84 -4.00
CA ARG B 152 -5.18 2.42 -2.70
C ARG B 152 -5.85 1.10 -2.34
N THR B 153 -5.24 0.36 -1.40
CA THR B 153 -5.78 -0.95 -1.04
C THR B 153 -5.89 -1.13 0.47
N SER B 154 -5.84 -0.05 1.24
CA SER B 154 -6.20 -0.10 2.64
C SER B 154 -6.66 1.27 3.09
N GLY B 155 -7.46 1.30 4.12
CA GLY B 155 -7.93 2.53 4.70
C GLY B 155 -9.37 2.41 5.12
N THR B 156 -9.99 3.56 5.37
CA THR B 156 -11.39 3.62 5.77
C THR B 156 -12.20 4.17 4.60
N ILE B 157 -13.28 3.47 4.26
CA ILE B 157 -14.27 3.99 3.32
C ILE B 157 -15.49 4.38 4.13
N ASN B 158 -15.75 5.68 4.19
CA ASN B 158 -16.92 6.21 4.88
C ASN B 158 -18.04 6.25 3.87
N VAL B 159 -18.84 5.18 3.84
CA VAL B 159 -19.89 5.04 2.84
C VAL B 159 -20.89 6.18 2.95
N THR B 160 -21.27 6.52 4.18
CA THR B 160 -22.25 7.59 4.39
C THR B 160 -21.77 8.91 3.79
N GLU B 161 -20.48 9.20 3.88
CA GLU B 161 -19.98 10.44 3.28
C GLU B 161 -20.13 10.41 1.76
N HIS B 162 -19.94 9.24 1.13
CA HIS B 162 -20.22 9.15 -0.29
C HIS B 162 -21.69 9.37 -0.59
N PHE B 163 -22.59 8.76 0.20
CA PHE B 163 -24.02 8.99 0.03
C PHE B 163 -24.31 10.49 0.07
N LYS B 164 -23.73 11.19 1.04
CA LYS B 164 -24.03 12.61 1.22
C LYS B 164 -23.52 13.43 0.04
N ALA B 165 -22.30 13.12 -0.45
CA ALA B 165 -21.73 13.84 -1.57
C ALA B 165 -22.51 13.58 -2.85
N TRP B 166 -22.96 12.34 -3.06
CA TRP B 166 -23.77 12.03 -4.23
C TRP B 166 -25.05 12.86 -4.23
N GLU B 167 -25.72 12.94 -3.08
CA GLU B 167 -26.93 13.74 -2.96
C GLU B 167 -26.65 15.21 -3.30
N ARG B 168 -25.51 15.73 -2.87
CA ARG B 168 -25.16 17.11 -3.22
C ARG B 168 -24.94 17.28 -4.72
N MET B 169 -24.61 16.21 -5.42
CA MET B 169 -24.43 16.26 -6.86
C MET B 169 -25.72 15.95 -7.62
N GLY B 170 -26.85 15.86 -6.92
CA GLY B 170 -28.13 15.60 -7.54
C GLY B 170 -28.53 14.14 -7.67
N MET B 171 -27.79 13.22 -7.04
CA MET B 171 -28.04 11.79 -7.13
C MET B 171 -28.84 11.32 -5.92
N ARG B 172 -30.11 11.00 -6.15
CA ARG B 172 -31.06 10.65 -5.10
C ARG B 172 -30.68 9.33 -4.43
N MET B 173 -30.77 9.31 -3.10
CA MET B 173 -30.50 8.12 -2.30
C MET B 173 -31.79 7.47 -1.83
N GLY B 174 -31.96 6.19 -2.15
CA GLY B 174 -33.02 5.39 -1.61
C GLY B 174 -32.62 4.76 -0.30
N ASN B 175 -33.52 3.94 0.22
CA ASN B 175 -33.23 3.21 1.44
C ASN B 175 -32.15 2.16 1.18
N ILE B 176 -31.24 2.00 2.14
CA ILE B 176 -30.06 1.16 1.92
C ILE B 176 -30.42 -0.31 2.11
N TYR B 177 -30.16 -1.12 1.08
CA TYR B 177 -30.48 -2.54 1.09
C TYR B 177 -29.33 -3.38 1.65
N GLU B 178 -28.12 -3.14 1.17
CA GLU B 178 -26.95 -3.90 1.61
C GLU B 178 -25.69 -3.11 1.26
N ALA B 179 -24.58 -3.45 1.93
CA ALA B 179 -23.27 -2.92 1.56
C ALA B 179 -22.20 -3.94 1.90
N ALA B 180 -21.20 -4.07 1.03
CA ALA B 180 -20.19 -5.09 1.24
C ALA B 180 -18.86 -4.66 0.63
N LEU B 181 -17.77 -5.17 1.19
CA LEU B 181 -16.47 -5.08 0.55
C LEU B 181 -16.39 -6.16 -0.52
N ASN B 182 -15.99 -5.78 -1.72
CA ASN B 182 -16.23 -6.54 -2.92
C ASN B 182 -15.00 -6.57 -3.79
N VAL B 183 -14.70 -7.75 -4.34
CA VAL B 183 -13.67 -7.92 -5.34
C VAL B 183 -14.34 -8.46 -6.59
N GLU B 184 -14.18 -7.76 -7.71
CA GLU B 184 -14.74 -8.16 -8.99
C GLU B 184 -13.62 -8.53 -9.96
N GLY B 185 -13.91 -9.48 -10.85
CA GLY B 185 -13.04 -9.77 -11.98
C GLY B 185 -13.84 -9.88 -13.25
N TYR B 186 -13.21 -9.51 -14.37
CA TYR B 186 -13.82 -9.66 -15.69
C TYR B 186 -12.78 -10.16 -16.67
N GLN B 187 -13.00 -11.37 -17.20
CA GLN B 187 -12.13 -11.99 -18.19
C GLN B 187 -10.66 -11.80 -17.83
N SER B 188 -10.31 -12.19 -16.60
CA SER B 188 -9.01 -11.93 -16.04
C SER B 188 -8.66 -13.04 -15.06
N SER B 189 -7.49 -12.92 -14.45
CA SER B 189 -7.07 -13.72 -13.31
C SER B 189 -6.58 -12.77 -12.22
N GLY B 190 -6.39 -13.30 -11.02
CA GLY B 190 -5.87 -12.48 -9.95
C GLY B 190 -6.10 -13.12 -8.60
N SER B 191 -5.57 -12.44 -7.59
CA SER B 191 -5.77 -12.81 -6.21
C SER B 191 -6.03 -11.54 -5.41
N ALA B 192 -6.75 -11.70 -4.30
CA ALA B 192 -6.99 -10.57 -3.41
C ALA B 192 -7.20 -11.13 -2.01
N ASN B 193 -6.30 -10.80 -1.09
CA ASN B 193 -6.44 -11.22 0.30
C ASN B 193 -6.92 -10.03 1.12
N VAL B 194 -8.20 -10.06 1.49
CA VAL B 194 -8.80 -9.05 2.35
C VAL B 194 -8.47 -9.47 3.79
N TYR B 195 -7.31 -9.03 4.28
CA TYR B 195 -6.84 -9.41 5.61
C TYR B 195 -7.52 -8.62 6.72
N LYS B 196 -8.18 -7.51 6.39
CA LYS B 196 -8.90 -6.73 7.39
C LYS B 196 -10.15 -6.19 6.73
N ASN B 197 -11.29 -6.31 7.40
CA ASN B 197 -12.53 -5.76 6.89
C ASN B 197 -13.48 -5.52 8.05
N ASN B 198 -13.34 -4.40 8.73
CA ASN B 198 -14.15 -4.08 9.90
C ASN B 198 -15.27 -3.15 9.43
N MET B 199 -16.47 -3.70 9.28
CA MET B 199 -17.62 -2.91 8.90
C MET B 199 -18.30 -2.45 10.18
N THR B 200 -18.57 -1.15 10.26
CA THR B 200 -19.25 -0.56 11.42
C THR B 200 -20.53 0.11 10.95
N ILE B 201 -21.57 -0.05 11.76
CA ILE B 201 -22.90 0.46 11.46
C ILE B 201 -23.34 1.28 12.66
#